data_9CUB
#
_entry.id   9CUB
#
_cell.length_a   35.967
_cell.length_b   72.644
_cell.length_c   66.430
_cell.angle_alpha   90.00
_cell.angle_beta   98.02
_cell.angle_gamma   90.00
#
_symmetry.space_group_name_H-M   'P 1 21 1'
#
loop_
_entity.id
_entity.type
_entity.pdbx_description
1 polymer 'Stimulator of interferon genes protein'
2 non-polymer "1,1'-[(2E)-but-2-ene-1,4-diyl]bis{2-[(1-ethyl-3-methyl-1H-pyrazole-5-carbonyl)amino]-7-methoxy-1H-1,3-benzimidazole-5-carboxamide}"
3 water water
#
_entity_poly.entity_id   1
_entity_poly.type   'polypeptide(L)'
_entity_poly.pdbx_seq_one_letter_code
;MGSSHHHHHHSSGETVRFQGHMSVAHGLAWSYYIGYLRLILPELQARIRTYNQHYNNLLRGAVSQRLYILLPLDCGVPDN
LSMADPNIRFLDKLPQQTADRAGIKDRVYSNSIYELLENGQRAGTCVLEYATPLQTLFAMSQYSQAGFSREDRLEQAKLF
CQTLEDILADAPESQNNCRLIAYQEPADDSSFSLSQEVLRHLRQEEKEEV
;
_entity_poly.pdbx_strand_id   A,B
#
loop_
_chem_comp.id
_chem_comp.type
_chem_comp.name
_chem_comp.formula
A1A3A non-polymer 1,1'-[(2E)-but-2-ene-1,4-diyl]bis{2-[(1-ethyl-3-methyl-1H-pyrazole-5-carbonyl)amino]-7-methoxy-1H-1,3-benzimidazole-5-carboxamide} 'C36 H40 N12 O6'
#
# COMPACT_ATOMS: atom_id res chain seq x y z
N MET A 22 -13.19 14.82 4.15
CA MET A 22 -13.03 15.25 2.78
C MET A 22 -12.48 14.11 1.89
N SER A 23 -12.21 14.39 0.61
CA SER A 23 -11.81 13.39 -0.36
C SER A 23 -10.41 12.75 -0.18
N VAL A 24 -9.44 13.37 0.56
CA VAL A 24 -8.12 12.70 0.76
C VAL A 24 -8.34 11.38 1.52
N ALA A 25 -9.02 11.45 2.68
CA ALA A 25 -9.34 10.30 3.52
C ALA A 25 -10.13 9.26 2.75
N HIS A 26 -11.08 9.71 1.91
CA HIS A 26 -11.93 8.84 1.10
C HIS A 26 -11.10 7.96 0.17
N GLY A 27 -10.16 8.56 -0.55
CA GLY A 27 -9.28 7.84 -1.47
C GLY A 27 -8.35 6.88 -0.75
N LEU A 28 -7.83 7.28 0.42
CA LEU A 28 -6.92 6.43 1.19
C LEU A 28 -7.63 5.21 1.76
N ALA A 29 -8.86 5.36 2.28
CA ALA A 29 -9.62 4.24 2.81
C ALA A 29 -9.97 3.27 1.71
N TRP A 30 -10.36 3.77 0.53
CA TRP A 30 -10.67 2.92 -0.61
C TRP A 30 -9.43 2.19 -1.11
N SER A 31 -8.28 2.89 -1.16
CA SER A 31 -7.00 2.29 -1.56
C SER A 31 -6.58 1.17 -0.61
N TYR A 32 -6.71 1.41 0.70
CA TYR A 32 -6.35 0.44 1.73
C TYR A 32 -7.21 -0.81 1.61
N TYR A 33 -8.50 -0.65 1.30
CA TYR A 33 -9.40 -1.77 1.09
C TYR A 33 -9.07 -2.53 -0.22
N ILE A 34 -9.08 -1.85 -1.38
CA ILE A 34 -8.87 -2.47 -2.68
CA ILE A 34 -8.86 -2.46 -2.69
C ILE A 34 -7.48 -3.10 -2.81
N GLY A 35 -6.43 -2.33 -2.51
CA GLY A 35 -5.06 -2.80 -2.63
C GLY A 35 -4.51 -3.66 -1.51
N TYR A 36 -5.29 -3.91 -0.43
CA TYR A 36 -4.77 -4.72 0.67
C TYR A 36 -5.83 -5.54 1.46
N LEU A 37 -6.80 -4.90 2.16
CA LEU A 37 -7.72 -5.67 3.02
C LEU A 37 -8.60 -6.66 2.27
N ARG A 38 -9.15 -6.27 1.11
CA ARG A 38 -9.99 -7.21 0.34
C ARG A 38 -9.19 -8.43 -0.16
N LEU A 39 -7.86 -8.35 -0.23
CA LEU A 39 -7.02 -9.44 -0.70
C LEU A 39 -6.55 -10.33 0.45
N ILE A 40 -6.47 -9.83 1.69
CA ILE A 40 -5.98 -10.63 2.83
C ILE A 40 -7.08 -11.11 3.79
N LEU A 41 -8.19 -10.38 3.97
CA LEU A 41 -9.21 -10.77 4.96
C LEU A 41 -10.01 -12.05 4.58
N PRO A 42 -10.32 -12.35 3.30
CA PRO A 42 -11.06 -13.61 3.00
C PRO A 42 -10.36 -14.88 3.49
N GLU A 43 -9.01 -14.97 3.35
CA GLU A 43 -8.27 -16.15 3.79
C GLU A 43 -7.62 -16.03 5.17
N LEU A 44 -7.82 -14.91 5.90
CA LEU A 44 -7.22 -14.70 7.23
C LEU A 44 -7.70 -15.71 8.29
N GLN A 45 -9.01 -15.98 8.32
CA GLN A 45 -9.61 -16.91 9.27
C GLN A 45 -9.01 -18.31 9.15
N ALA A 46 -8.83 -18.80 7.91
CA ALA A 46 -8.24 -20.11 7.67
C ALA A 46 -6.78 -20.16 8.13
N ARG A 47 -6.03 -19.06 7.92
CA ARG A 47 -4.64 -18.97 8.34
C ARG A 47 -4.54 -18.98 9.86
N ILE A 48 -5.42 -18.23 10.56
CA ILE A 48 -5.42 -18.20 12.03
C ILE A 48 -5.76 -19.59 12.57
N ARG A 49 -6.77 -20.28 11.99
CA ARG A 49 -7.13 -21.63 12.42
C ARG A 49 -5.96 -22.60 12.25
N THR A 50 -5.27 -22.53 11.09
CA THR A 50 -4.09 -23.36 10.80
C THR A 50 -2.99 -23.14 11.84
N TYR A 51 -2.72 -21.86 12.21
CA TYR A 51 -1.71 -21.58 13.22
C TYR A 51 -2.11 -22.19 14.57
N ASN A 52 -3.37 -21.99 14.99
CA ASN A 52 -3.85 -22.54 16.27
C ASN A 52 -3.82 -24.06 16.34
N GLN A 53 -4.19 -24.73 15.24
CA GLN A 53 -4.23 -26.18 15.22
C GLN A 53 -2.88 -26.86 15.04
N HIS A 54 -1.95 -26.27 14.27
CA HIS A 54 -0.70 -26.95 13.94
C HIS A 54 0.62 -26.20 14.20
N TYR A 55 0.63 -24.89 14.53
CA TYR A 55 1.90 -24.19 14.78
C TYR A 55 2.03 -23.64 16.19
N ASN A 56 0.90 -23.31 16.83
CA ASN A 56 0.91 -22.70 18.15
C ASN A 56 1.42 -23.69 19.19
N ASN A 57 2.28 -23.22 20.10
CA ASN A 57 2.82 -24.05 21.18
C ASN A 57 1.65 -24.56 22.05
N LEU A 58 1.69 -25.83 22.45
CA LEU A 58 0.58 -26.45 23.18
C LEU A 58 0.30 -25.82 24.54
N LEU A 59 1.30 -25.19 25.17
CA LEU A 59 1.08 -24.51 26.45
C LEU A 59 0.58 -23.07 26.25
N ARG A 60 0.16 -22.66 25.03
CA ARG A 60 -0.30 -21.29 24.76
C ARG A 60 -1.78 -21.24 24.49
N GLY A 61 -2.39 -20.10 24.83
CA GLY A 61 -3.78 -19.86 24.50
C GLY A 61 -3.92 -19.67 23.00
N ALA A 62 -5.11 -19.92 22.46
CA ALA A 62 -5.35 -19.79 21.04
C ALA A 62 -5.21 -18.31 20.62
N VAL A 63 -4.66 -18.07 19.42
CA VAL A 63 -4.53 -16.70 18.91
C VAL A 63 -5.95 -16.31 18.50
N SER A 64 -6.34 -15.10 18.89
CA SER A 64 -7.71 -14.66 18.62
C SER A 64 -7.96 -14.49 17.13
N GLN A 65 -9.21 -14.71 16.72
CA GLN A 65 -9.58 -14.50 15.33
C GLN A 65 -9.61 -12.99 15.05
N ARG A 66 -9.63 -12.60 13.77
CA ARG A 66 -9.73 -11.22 13.32
C ARG A 66 -8.43 -10.42 13.37
N LEU A 67 -8.22 -9.56 12.35
CA LEU A 67 -7.06 -8.70 12.27
C LEU A 67 -7.40 -7.44 13.04
N TYR A 68 -6.59 -7.09 14.02
CA TYR A 68 -6.83 -5.89 14.79
C TYR A 68 -6.00 -4.77 14.17
N ILE A 69 -6.67 -3.77 13.61
CA ILE A 69 -6.04 -2.65 12.90
C ILE A 69 -5.95 -1.44 13.84
N LEU A 70 -4.71 -1.03 14.20
CA LEU A 70 -4.53 0.11 15.10
C LEU A 70 -4.66 1.39 14.30
N LEU A 71 -5.48 2.32 14.78
CA LEU A 71 -5.76 3.59 14.14
C LEU A 71 -5.48 4.76 15.10
N PRO A 72 -4.18 5.12 15.33
CA PRO A 72 -3.93 6.27 16.20
C PRO A 72 -4.44 7.54 15.51
N LEU A 73 -5.41 8.25 16.14
CA LEU A 73 -6.01 9.44 15.52
C LEU A 73 -5.03 10.59 15.31
N ASP A 74 -3.93 10.63 16.07
CA ASP A 74 -2.88 11.63 15.85
C ASP A 74 -1.92 11.21 14.70
N CYS A 75 -2.19 10.06 14.02
CA CYS A 75 -1.40 9.49 12.92
C CYS A 75 0.05 9.16 13.30
N GLY A 76 0.32 8.95 14.60
CA GLY A 76 1.64 8.60 15.07
C GLY A 76 1.86 7.11 14.93
N VAL A 77 2.35 6.68 13.77
CA VAL A 77 2.59 5.26 13.49
C VAL A 77 4.10 4.96 13.63
N PRO A 78 4.55 4.30 14.72
CA PRO A 78 5.99 3.97 14.82
C PRO A 78 6.39 2.81 13.89
N ASP A 79 7.70 2.66 13.67
CA ASP A 79 8.20 1.61 12.78
C ASP A 79 8.18 0.23 13.47
N ASN A 80 8.50 0.17 14.78
CA ASN A 80 8.48 -1.07 15.55
C ASN A 80 7.28 -1.09 16.52
N LEU A 81 6.46 -2.14 16.48
CA LEU A 81 5.29 -2.26 17.34
C LEU A 81 5.70 -2.60 18.78
N SER A 82 6.76 -3.42 18.98
CA SER A 82 7.27 -3.77 20.30
C SER A 82 7.96 -2.60 21.01
N MET A 83 8.58 -1.68 20.25
CA MET A 83 9.23 -0.50 20.84
C MET A 83 8.21 0.54 21.32
N ALA A 84 6.99 0.57 20.74
CA ALA A 84 5.95 1.51 21.15
C ALA A 84 5.43 1.22 22.56
N ASP A 85 5.30 -0.08 22.91
CA ASP A 85 4.82 -0.51 24.22
C ASP A 85 5.60 -1.79 24.62
N PRO A 86 6.28 -1.85 25.79
CA PRO A 86 6.98 -3.11 26.14
C PRO A 86 6.05 -4.29 26.41
N ASN A 87 4.74 -4.04 26.67
CA ASN A 87 3.77 -5.09 26.91
C ASN A 87 3.18 -5.69 25.61
N ILE A 88 3.67 -5.27 24.42
CA ILE A 88 3.22 -5.86 23.15
C ILE A 88 4.45 -6.55 22.59
N ARG A 89 4.54 -7.86 22.79
CA ARG A 89 5.70 -8.65 22.41
C ARG A 89 5.42 -9.51 21.19
N PHE A 90 6.27 -9.40 20.15
CA PHE A 90 6.12 -10.20 18.93
C PHE A 90 6.28 -11.68 19.26
N LEU A 91 5.41 -12.54 18.70
CA LEU A 91 5.45 -13.98 18.95
C LEU A 91 5.86 -14.76 17.69
N ASP A 92 5.13 -14.59 16.58
CA ASP A 92 5.36 -15.36 15.35
C ASP A 92 4.71 -14.70 14.14
N LYS A 93 5.04 -15.17 12.93
CA LYS A 93 4.39 -14.72 11.70
C LYS A 93 3.29 -15.76 11.40
N LEU A 94 2.14 -15.32 10.86
CA LEU A 94 1.08 -16.26 10.49
C LEU A 94 1.55 -17.10 9.28
N PRO A 95 1.09 -18.36 9.04
CA PRO A 95 1.48 -19.06 7.81
C PRO A 95 1.09 -18.22 6.58
N GLN A 96 2.04 -17.94 5.67
CA GLN A 96 1.84 -17.04 4.52
C GLN A 96 0.58 -17.27 3.68
N GLN A 97 0.06 -16.16 3.11
CA GLN A 97 -1.13 -16.16 2.25
C GLN A 97 -0.68 -16.08 0.79
N ARG A 107 2.25 -9.41 -3.85
CA ARG A 107 2.70 -10.76 -4.19
C ARG A 107 2.51 -11.72 -3.01
N VAL A 108 2.97 -11.33 -1.81
CA VAL A 108 2.86 -12.14 -0.59
C VAL A 108 2.63 -11.21 0.63
N TYR A 109 2.00 -11.71 1.71
CA TYR A 109 1.62 -10.89 2.86
C TYR A 109 2.10 -11.49 4.18
N SER A 110 2.82 -10.69 4.98
CA SER A 110 3.34 -11.11 6.29
C SER A 110 2.56 -10.43 7.41
N ASN A 111 1.75 -11.21 8.14
CA ASN A 111 0.96 -10.69 9.25
C ASN A 111 1.53 -11.25 10.54
N SER A 112 1.78 -10.38 11.52
CA SER A 112 2.42 -10.76 12.77
C SER A 112 1.45 -11.00 13.92
N ILE A 113 1.77 -11.99 14.76
CA ILE A 113 1.01 -12.37 15.95
C ILE A 113 1.74 -11.74 17.13
N TYR A 114 1.01 -11.05 18.01
CA TYR A 114 1.59 -10.43 19.20
C TYR A 114 0.94 -10.95 20.48
N GLU A 115 1.72 -10.97 21.56
CA GLU A 115 1.26 -11.32 22.90
C GLU A 115 1.11 -10.02 23.67
N LEU A 116 -0.01 -9.87 24.38
CA LEU A 116 -0.30 -8.69 25.19
C LEU A 116 -0.08 -9.08 26.64
N LEU A 117 0.84 -8.37 27.32
CA LEU A 117 1.19 -8.68 28.70
C LEU A 117 0.49 -7.73 29.66
N GLU A 118 0.02 -8.27 30.79
CA GLU A 118 -0.65 -7.51 31.85
C GLU A 118 -0.03 -8.02 33.14
N ASN A 119 0.74 -7.15 33.84
CA ASN A 119 1.47 -7.50 35.05
C ASN A 119 2.43 -8.68 34.79
N GLY A 120 3.05 -8.69 33.62
CA GLY A 120 3.96 -9.76 33.23
C GLY A 120 3.28 -10.98 32.63
N GLN A 121 2.06 -11.32 33.09
CA GLN A 121 1.34 -12.49 32.58
C GLN A 121 0.81 -12.26 31.16
N ARG A 122 0.67 -13.33 30.39
CA ARG A 122 0.13 -13.24 29.04
C ARG A 122 -1.39 -13.13 29.17
N ALA A 123 -1.97 -11.97 28.79
CA ALA A 123 -3.40 -11.70 28.90
C ALA A 123 -4.19 -11.83 27.59
N GLY A 124 -3.49 -11.92 26.46
CA GLY A 124 -4.14 -12.07 25.16
C GLY A 124 -3.15 -12.23 24.04
N THR A 125 -3.59 -12.80 22.91
CA THR A 125 -2.74 -13.03 21.74
C THR A 125 -3.57 -12.73 20.49
N CYS A 126 -3.09 -11.86 19.59
CA CYS A 126 -3.85 -11.48 18.40
C CYS A 126 -2.94 -11.05 17.23
N VAL A 127 -3.50 -11.02 16.02
CA VAL A 127 -2.79 -10.55 14.82
C VAL A 127 -3.06 -9.04 14.82
N LEU A 128 -2.00 -8.24 14.92
CA LEU A 128 -2.10 -6.79 15.09
C LEU A 128 -1.19 -6.03 14.12
N GLU A 129 -1.65 -4.86 13.64
CA GLU A 129 -0.86 -3.99 12.77
C GLU A 129 -1.50 -2.61 12.61
N TYR A 130 -0.67 -1.61 12.32
CA TYR A 130 -1.14 -0.26 12.12
C TYR A 130 -1.76 -0.08 10.75
N ALA A 131 -2.73 0.83 10.64
CA ALA A 131 -3.30 1.18 9.35
C ALA A 131 -2.25 2.13 8.74
N THR A 132 -1.45 1.63 7.80
CA THR A 132 -0.38 2.41 7.17
C THR A 132 -0.85 3.72 6.46
N PRO A 133 -2.10 3.85 5.92
CA PRO A 133 -2.48 5.15 5.32
C PRO A 133 -2.44 6.35 6.27
N LEU A 134 -2.49 6.11 7.59
CA LEU A 134 -2.36 7.21 8.56
C LEU A 134 -0.92 7.77 8.55
N GLN A 135 0.11 6.96 8.15
CA GLN A 135 1.50 7.45 7.97
C GLN A 135 1.52 8.47 6.84
N THR A 136 0.74 8.23 5.78
CA THR A 136 0.65 9.14 4.65
C THR A 136 0.03 10.46 5.09
N LEU A 137 -1.05 10.39 5.89
CA LEU A 137 -1.69 11.61 6.39
C LEU A 137 -0.72 12.40 7.26
N PHE A 138 0.11 11.72 8.06
CA PHE A 138 1.10 12.39 8.89
C PHE A 138 2.13 13.09 8.01
N ALA A 139 2.67 12.37 7.01
CA ALA A 139 3.66 12.94 6.10
C ALA A 139 3.11 14.11 5.29
N MET A 140 1.84 14.03 4.85
CA MET A 140 1.21 15.13 4.11
C MET A 140 1.10 16.38 4.97
N SER A 141 0.83 16.24 6.27
CA SER A 141 0.80 17.38 7.18
C SER A 141 2.22 17.99 7.36
N GLN A 142 3.29 17.18 7.16
CA GLN A 142 4.67 17.64 7.28
C GLN A 142 5.20 18.30 6.01
N TYR A 143 4.78 17.85 4.81
CA TYR A 143 5.25 18.41 3.55
C TYR A 143 4.42 19.65 3.15
N SER A 144 5.10 20.80 2.95
CA SER A 144 4.46 22.07 2.57
C SER A 144 3.72 21.99 1.23
N GLN A 145 4.32 21.32 0.23
CA GLN A 145 3.73 21.16 -1.09
C GLN A 145 2.35 20.46 -1.04
N ALA A 146 2.12 19.59 -0.04
CA ALA A 146 0.85 18.91 0.09
C ALA A 146 -0.31 19.84 0.45
N GLY A 147 -0.03 21.02 1.03
CA GLY A 147 -1.06 21.99 1.41
C GLY A 147 -2.04 21.38 2.40
N PHE A 148 -1.48 20.73 3.42
CA PHE A 148 -2.24 19.96 4.39
C PHE A 148 -1.82 20.36 5.80
N SER A 149 -2.77 20.93 6.55
CA SER A 149 -2.54 21.40 7.92
C SER A 149 -2.59 20.27 8.96
N ARG A 150 -2.12 20.54 10.19
CA ARG A 150 -2.22 19.57 11.29
C ARG A 150 -3.71 19.38 11.68
N GLU A 151 -4.54 20.44 11.56
CA GLU A 151 -5.98 20.36 11.81
C GLU A 151 -6.63 19.48 10.72
N ASP A 152 -6.21 19.64 9.46
CA ASP A 152 -6.69 18.83 8.34
C ASP A 152 -6.31 17.37 8.57
N ARG A 153 -5.14 17.09 9.18
CA ARG A 153 -4.69 15.74 9.50
C ARG A 153 -5.67 15.05 10.44
N LEU A 154 -6.03 15.69 11.56
CA LEU A 154 -6.93 15.07 12.54
C LEU A 154 -8.31 14.83 11.91
N GLU A 155 -8.83 15.81 11.16
CA GLU A 155 -10.12 15.69 10.50
C GLU A 155 -10.10 14.53 9.51
N GLN A 156 -9.06 14.43 8.65
CA GLN A 156 -8.95 13.37 7.66
C GLN A 156 -8.68 12.01 8.31
N ALA A 157 -7.99 11.95 9.47
CA ALA A 157 -7.78 10.66 10.15
C ALA A 157 -9.11 10.09 10.63
N LYS A 158 -9.99 10.94 11.19
CA LYS A 158 -11.32 10.52 11.65
C LYS A 158 -12.19 10.09 10.47
N LEU A 159 -12.16 10.85 9.37
CA LEU A 159 -12.93 10.52 8.17
C LEU A 159 -12.39 9.25 7.48
N PHE A 160 -11.09 8.96 7.61
CA PHE A 160 -10.50 7.72 7.10
C PHE A 160 -11.11 6.54 7.86
N CYS A 161 -11.18 6.65 9.21
CA CYS A 161 -11.77 5.62 10.06
C CYS A 161 -13.25 5.43 9.70
N GLN A 162 -14.00 6.53 9.51
CA GLN A 162 -15.42 6.49 9.14
C GLN A 162 -15.66 5.81 7.80
N THR A 163 -14.88 6.19 6.79
CA THR A 163 -15.03 5.61 5.47
C THR A 163 -14.66 4.12 5.49
N LEU A 164 -13.55 3.76 6.16
CA LEU A 164 -13.12 2.37 6.25
C LEU A 164 -14.16 1.51 6.98
N GLU A 165 -14.76 2.04 8.07
CA GLU A 165 -15.82 1.33 8.79
C GLU A 165 -17.02 1.10 7.87
N ASP A 166 -17.41 2.11 7.08
CA ASP A 166 -18.53 1.97 6.14
C ASP A 166 -18.23 0.95 5.04
N ILE A 167 -17.00 0.94 4.50
CA ILE A 167 -16.60 -0.02 3.47
C ILE A 167 -16.67 -1.44 4.06
N LEU A 168 -16.06 -1.65 5.23
CA LEU A 168 -16.03 -2.96 5.88
C LEU A 168 -17.42 -3.43 6.31
N ALA A 169 -18.34 -2.52 6.68
CA ALA A 169 -19.70 -2.90 7.08
C ALA A 169 -20.44 -3.71 6.03
N ASP A 170 -20.26 -3.37 4.74
CA ASP A 170 -20.91 -4.08 3.63
C ASP A 170 -19.92 -4.82 2.70
N ALA A 171 -18.65 -5.00 3.10
CA ALA A 171 -17.69 -5.73 2.26
C ALA A 171 -17.89 -7.24 2.45
N PRO A 172 -17.95 -8.08 1.39
CA PRO A 172 -18.14 -9.52 1.62
C PRO A 172 -16.91 -10.17 2.25
N GLU A 173 -17.11 -10.93 3.35
CA GLU A 173 -16.05 -11.61 4.11
C GLU A 173 -14.89 -10.69 4.53
N SER A 174 -15.22 -9.55 5.20
CA SER A 174 -14.19 -8.63 5.68
C SER A 174 -14.48 -8.03 7.07
N GLN A 175 -15.76 -7.68 7.38
CA GLN A 175 -16.13 -7.10 8.67
C GLN A 175 -15.92 -8.08 9.83
N ASN A 176 -16.42 -9.31 9.70
CA ASN A 176 -16.25 -10.33 10.75
C ASN A 176 -14.81 -10.84 10.89
N ASN A 177 -13.89 -10.47 9.96
CA ASN A 177 -12.49 -10.89 10.01
C ASN A 177 -11.54 -9.77 10.47
N CYS A 178 -12.05 -8.61 10.93
CA CYS A 178 -11.17 -7.52 11.39
C CYS A 178 -11.89 -6.57 12.35
N ARG A 179 -11.11 -5.85 13.18
CA ARG A 179 -11.64 -4.89 14.14
C ARG A 179 -10.79 -3.63 14.10
N LEU A 180 -11.44 -2.47 14.07
CA LEU A 180 -10.78 -1.18 14.00
C LEU A 180 -10.60 -0.64 15.42
N ILE A 181 -9.35 -0.39 15.85
CA ILE A 181 -9.03 0.15 17.18
C ILE A 181 -8.61 1.60 17.02
N ALA A 182 -9.55 2.54 17.16
CA ALA A 182 -9.25 3.97 17.09
C ALA A 182 -9.00 4.47 18.51
N TYR A 183 -8.00 5.33 18.67
CA TYR A 183 -7.63 5.85 19.99
C TYR A 183 -6.86 7.16 19.87
N GLN A 184 -6.95 7.98 20.91
CA GLN A 184 -6.26 9.25 21.01
C GLN A 184 -5.29 9.18 22.19
N GLU A 185 -4.18 9.93 22.13
CA GLU A 185 -3.15 9.89 23.17
C GLU A 185 -2.96 11.27 23.84
N PRO A 186 -2.45 11.35 25.09
CA PRO A 186 -2.25 12.67 25.70
C PRO A 186 -1.01 13.39 25.15
N PHE A 192 -1.49 6.60 29.14
CA PHE A 192 -2.09 5.77 28.09
C PHE A 192 -1.27 4.50 27.88
N SER A 193 -1.95 3.34 27.79
CA SER A 193 -1.33 2.04 27.54
C SER A 193 -1.94 1.47 26.26
N LEU A 194 -1.11 1.21 25.24
CA LEU A 194 -1.59 0.64 23.99
C LEU A 194 -1.99 -0.83 24.17
N SER A 195 -1.29 -1.59 25.05
CA SER A 195 -1.63 -2.98 25.31
C SER A 195 -3.02 -3.11 25.95
N GLN A 196 -3.38 -2.21 26.88
CA GLN A 196 -4.72 -2.21 27.49
C GLN A 196 -5.79 -1.80 26.50
N GLU A 197 -5.46 -0.91 25.54
CA GLU A 197 -6.39 -0.49 24.50
C GLU A 197 -6.78 -1.69 23.63
N VAL A 198 -5.81 -2.54 23.27
CA VAL A 198 -6.08 -3.73 22.44
C VAL A 198 -6.85 -4.76 23.28
N LEU A 199 -6.39 -5.02 24.53
CA LEU A 199 -7.06 -5.98 25.42
C LEU A 199 -8.53 -5.63 25.67
N ARG A 200 -8.87 -4.33 25.79
CA ARG A 200 -10.25 -3.90 25.99
C ARG A 200 -11.15 -4.36 24.84
N HIS A 201 -10.67 -4.22 23.59
CA HIS A 201 -11.43 -4.68 22.41
C HIS A 201 -11.55 -6.20 22.37
N LEU A 202 -10.48 -6.93 22.74
CA LEU A 202 -10.51 -8.40 22.77
C LEU A 202 -11.52 -8.92 23.77
N ARG A 203 -11.56 -8.32 24.97
CA ARG A 203 -12.51 -8.73 26.01
C ARG A 203 -13.95 -8.34 25.66
N GLN A 204 -14.15 -7.26 24.88
CA GLN A 204 -15.47 -6.82 24.43
C GLN A 204 -16.06 -7.88 23.48
N GLU A 205 -15.24 -8.45 22.58
CA GLU A 205 -15.70 -9.49 21.65
C GLU A 205 -16.09 -10.76 22.43
N GLU A 206 -15.30 -11.11 23.48
CA GLU A 206 -15.58 -12.28 24.31
C GLU A 206 -16.86 -12.08 25.14
N LYS A 207 -17.07 -10.90 25.72
CA LYS A 207 -18.26 -10.60 26.51
C LYS A 207 -19.46 -10.40 25.58
N MET B 22 -10.56 16.39 -6.57
CA MET B 22 -9.20 16.91 -6.47
C MET B 22 -8.37 16.11 -5.43
N SER B 23 -8.86 16.02 -4.20
CA SER B 23 -8.14 15.40 -3.11
C SER B 23 -7.96 13.85 -3.17
N VAL B 24 -8.76 13.06 -3.92
CA VAL B 24 -8.52 11.59 -4.01
C VAL B 24 -7.13 11.35 -4.62
N ALA B 25 -6.88 11.95 -5.80
CA ALA B 25 -5.60 11.85 -6.51
C ALA B 25 -4.44 12.34 -5.66
N HIS B 26 -4.65 13.43 -4.91
CA HIS B 26 -3.66 14.03 -4.02
C HIS B 26 -3.17 13.01 -2.98
N GLY B 27 -4.10 12.36 -2.30
CA GLY B 27 -3.80 11.36 -1.29
C GLY B 27 -3.11 10.14 -1.85
N LEU B 28 -3.53 9.69 -3.04
CA LEU B 28 -2.93 8.52 -3.69
C LEU B 28 -1.49 8.78 -4.14
N ALA B 29 -1.22 9.97 -4.70
CA ALA B 29 0.15 10.31 -5.12
C ALA B 29 1.06 10.39 -3.92
N TRP B 30 0.59 11.01 -2.82
CA TRP B 30 1.38 11.11 -1.59
C TRP B 30 1.60 9.73 -0.97
N SER B 31 0.58 8.86 -0.99
CA SER B 31 0.70 7.49 -0.47
C SER B 31 1.71 6.68 -1.28
N TYR B 32 1.66 6.79 -2.60
CA TYR B 32 2.56 6.07 -3.50
C TYR B 32 4.00 6.50 -3.26
N TYR B 33 4.22 7.80 -3.00
CA TYR B 33 5.55 8.30 -2.68
C TYR B 33 6.02 7.83 -1.28
N ILE B 34 5.26 8.13 -0.21
CA ILE B 34 5.67 7.79 1.17
C ILE B 34 5.77 6.28 1.40
N GLY B 35 4.74 5.54 1.03
CA GLY B 35 4.71 4.09 1.24
C GLY B 35 5.46 3.24 0.25
N TYR B 36 6.06 3.83 -0.81
CA TYR B 36 6.77 3.00 -1.80
C TYR B 36 7.98 3.68 -2.51
N LEU B 37 7.76 4.77 -3.30
CA LEU B 37 8.86 5.34 -4.08
C LEU B 37 10.00 5.90 -3.23
N ARG B 38 9.70 6.63 -2.14
CA ARG B 38 10.76 7.16 -1.28
C ARG B 38 11.60 6.04 -0.61
N LEU B 39 11.08 4.81 -0.52
CA LEU B 39 11.77 3.69 0.09
C LEU B 39 12.59 2.89 -0.93
N ILE B 40 12.23 2.90 -2.22
CA ILE B 40 12.94 2.11 -3.24
C ILE B 40 13.86 2.93 -4.16
N LEU B 41 13.55 4.21 -4.45
CA LEU B 41 14.36 4.99 -5.39
C LEU B 41 15.78 5.35 -4.87
N PRO B 42 16.03 5.63 -3.55
CA PRO B 42 17.41 5.93 -3.13
C PRO B 42 18.43 4.81 -3.44
N GLU B 43 18.05 3.54 -3.24
CA GLU B 43 18.95 2.41 -3.50
C GLU B 43 18.76 1.74 -4.87
N LEU B 44 17.86 2.25 -5.72
CA LEU B 44 17.61 1.64 -7.03
C LEU B 44 18.83 1.69 -7.96
N GLN B 45 19.51 2.86 -8.04
CA GLN B 45 20.69 3.05 -8.90
C GLN B 45 21.78 2.01 -8.60
N ALA B 46 22.02 1.73 -7.31
CA ALA B 46 23.00 0.73 -6.89
C ALA B 46 22.57 -0.68 -7.32
N ARG B 47 21.27 -1.02 -7.20
CA ARG B 47 20.76 -2.33 -7.62
C ARG B 47 20.88 -2.52 -9.13
N ILE B 48 20.63 -1.45 -9.92
CA ILE B 48 20.73 -1.50 -11.38
C ILE B 48 22.22 -1.70 -11.76
N ARG B 49 23.13 -0.95 -11.14
CA ARG B 49 24.58 -1.09 -11.40
C ARG B 49 25.04 -2.52 -11.08
N THR B 50 24.58 -3.09 -9.96
CA THR B 50 24.91 -4.46 -9.55
C THR B 50 24.45 -5.47 -10.60
N TYR B 51 23.22 -5.30 -11.16
CA TYR B 51 22.73 -6.19 -12.20
C TYR B 51 23.62 -6.09 -13.45
N ASN B 52 23.94 -4.87 -13.89
CA ASN B 52 24.78 -4.67 -15.08
C ASN B 52 26.19 -5.22 -14.93
N GLN B 53 26.79 -5.06 -13.76
CA GLN B 53 28.16 -5.53 -13.52
C GLN B 53 28.29 -7.02 -13.25
N HIS B 54 27.31 -7.65 -12.56
CA HIS B 54 27.45 -9.05 -12.17
C HIS B 54 26.31 -9.99 -12.57
N VAL B 63 20.92 -2.87 -18.75
CA VAL B 63 19.62 -2.30 -18.37
C VAL B 63 19.79 -0.80 -18.02
N SER B 64 18.98 0.07 -18.65
CA SER B 64 19.02 1.51 -18.46
C SER B 64 18.77 1.88 -17.01
N GLN B 65 19.34 3.01 -16.57
CA GLN B 65 19.12 3.51 -15.22
C GLN B 65 17.68 4.05 -15.13
N ARG B 66 17.20 4.27 -13.90
CA ARG B 66 15.88 4.84 -13.63
C ARG B 66 14.70 3.88 -13.76
N LEU B 67 13.72 4.02 -12.86
CA LEU B 67 12.51 3.21 -12.86
C LEU B 67 11.54 3.90 -13.78
N TYR B 68 11.04 3.20 -14.79
CA TYR B 68 10.08 3.78 -15.71
C TYR B 68 8.68 3.38 -15.23
N ILE B 69 7.89 4.36 -14.78
CA ILE B 69 6.56 4.15 -14.22
C ILE B 69 5.50 4.41 -15.30
N LEU B 70 4.75 3.36 -15.69
CA LEU B 70 3.72 3.50 -16.71
C LEU B 70 2.46 4.06 -16.07
N LEU B 71 1.91 5.11 -16.67
CA LEU B 71 0.73 5.80 -16.18
C LEU B 71 -0.37 5.85 -17.26
N PRO B 72 -1.09 4.72 -17.53
CA PRO B 72 -2.18 4.80 -18.51
C PRO B 72 -3.28 5.70 -17.97
N LEU B 73 -3.57 6.81 -18.67
CA LEU B 73 -4.55 7.78 -18.19
C LEU B 73 -6.00 7.22 -18.15
N ASP B 74 -6.31 6.12 -18.87
CA ASP B 74 -7.61 5.44 -18.74
C ASP B 74 -7.63 4.46 -17.53
N CYS B 75 -6.53 4.40 -16.73
CA CYS B 75 -6.34 3.53 -15.57
C CYS B 75 -6.45 2.04 -15.89
N GLY B 76 -6.21 1.65 -17.15
CA GLY B 76 -6.24 0.26 -17.56
C GLY B 76 -4.91 -0.39 -17.26
N VAL B 77 -4.77 -0.93 -16.05
CA VAL B 77 -3.56 -1.58 -15.60
C VAL B 77 -3.74 -3.11 -15.68
N PRO B 78 -3.21 -3.80 -16.71
CA PRO B 78 -3.37 -5.27 -16.76
C PRO B 78 -2.47 -5.98 -15.74
N ASP B 79 -2.80 -7.24 -15.42
CA ASP B 79 -2.02 -8.00 -14.45
C ASP B 79 -0.66 -8.42 -15.02
N ASN B 80 -0.62 -8.77 -16.32
CA ASN B 80 0.62 -9.19 -17.00
C ASN B 80 1.08 -8.08 -17.96
N LEU B 81 2.33 -7.61 -17.83
CA LEU B 81 2.90 -6.58 -18.73
C LEU B 81 3.15 -7.17 -20.11
N SER B 82 3.67 -8.41 -20.18
CA SER B 82 3.97 -9.06 -21.46
C SER B 82 2.71 -9.35 -22.29
N MET B 83 1.56 -9.62 -21.63
CA MET B 83 0.31 -9.87 -22.33
C MET B 83 -0.31 -8.58 -22.91
N ALA B 84 0.02 -7.40 -22.34
CA ALA B 84 -0.49 -6.12 -22.83
C ALA B 84 0.08 -5.77 -24.19
N ASP B 85 1.39 -6.03 -24.41
CA ASP B 85 2.06 -5.74 -25.66
C ASP B 85 3.08 -6.86 -25.93
N PRO B 86 3.06 -7.57 -27.09
CA PRO B 86 4.05 -8.65 -27.31
C PRO B 86 5.50 -8.16 -27.45
N ASN B 87 5.70 -6.87 -27.78
CA ASN B 87 7.04 -6.30 -27.91
C ASN B 87 7.70 -6.00 -26.54
N ILE B 88 6.98 -6.13 -25.40
CA ILE B 88 7.55 -5.95 -24.07
C ILE B 88 7.72 -7.36 -23.49
N ARG B 89 8.97 -7.86 -23.42
CA ARG B 89 9.28 -9.21 -22.96
C ARG B 89 10.05 -9.20 -21.65
N PHE B 90 9.55 -9.93 -20.63
CA PHE B 90 10.20 -10.01 -19.33
C PHE B 90 11.58 -10.68 -19.48
N LEU B 91 12.61 -10.13 -18.82
CA LEU B 91 13.97 -10.66 -18.91
C LEU B 91 14.40 -11.28 -17.57
N ASP B 92 14.33 -10.53 -16.46
CA ASP B 92 14.72 -11.05 -15.14
C ASP B 92 14.32 -10.09 -14.03
N LYS B 93 14.17 -10.62 -12.80
CA LYS B 93 13.83 -9.78 -11.65
C LYS B 93 15.09 -9.08 -11.14
N LEU B 94 14.97 -7.80 -10.77
CA LEU B 94 16.09 -7.02 -10.26
C LEU B 94 16.41 -7.49 -8.83
N PRO B 95 17.61 -8.03 -8.50
CA PRO B 95 17.84 -8.51 -7.11
C PRO B 95 17.63 -7.45 -6.04
N ARG B 107 11.03 -5.40 4.76
CA ARG B 107 10.23 -5.26 3.55
C ARG B 107 11.03 -5.71 2.33
N VAL B 108 10.40 -6.49 1.43
CA VAL B 108 11.05 -7.00 0.23
C VAL B 108 10.39 -6.36 -0.99
N TYR B 109 11.19 -5.77 -1.89
CA TYR B 109 10.66 -5.15 -3.11
C TYR B 109 11.17 -5.87 -4.35
N SER B 110 10.24 -6.35 -5.21
CA SER B 110 10.56 -7.05 -6.45
C SER B 110 10.23 -6.19 -7.65
N ASN B 111 11.25 -5.74 -8.39
CA ASN B 111 11.07 -4.93 -9.60
C ASN B 111 11.49 -5.78 -10.80
N SER B 112 10.72 -5.75 -11.89
CA SER B 112 11.00 -6.57 -13.08
C SER B 112 11.70 -5.80 -14.21
N ILE B 113 12.71 -6.44 -14.86
CA ILE B 113 13.48 -5.87 -15.98
C ILE B 113 12.84 -6.37 -17.29
N TYR B 114 12.64 -5.47 -18.28
CA TYR B 114 12.00 -5.85 -19.53
C TYR B 114 12.82 -5.43 -20.75
N GLU B 115 12.70 -6.22 -21.83
CA GLU B 115 13.34 -5.94 -23.11
C GLU B 115 12.24 -5.39 -24.04
N LEU B 116 12.54 -4.30 -24.75
CA LEU B 116 11.60 -3.67 -25.67
C LEU B 116 12.06 -4.03 -27.09
N LEU B 117 11.20 -4.72 -27.84
CA LEU B 117 11.50 -5.21 -29.18
C LEU B 117 10.97 -4.27 -30.25
N GLU B 118 11.76 -4.05 -31.30
CA GLU B 118 11.40 -3.22 -32.44
C GLU B 118 11.77 -4.01 -33.68
N ASN B 119 10.76 -4.47 -34.45
CA ASN B 119 10.98 -5.32 -35.63
C ASN B 119 11.73 -6.61 -35.23
N GLY B 120 11.40 -7.17 -34.06
CA GLY B 120 12.06 -8.36 -33.55
C GLY B 120 13.37 -8.11 -32.82
N GLN B 121 14.14 -7.09 -33.24
CA GLN B 121 15.43 -6.78 -32.60
C GLN B 121 15.25 -6.15 -31.23
N ARG B 122 16.22 -6.35 -30.33
CA ARG B 122 16.17 -5.76 -29.00
C ARG B 122 16.60 -4.30 -29.15
N ALA B 123 15.68 -3.35 -28.91
CA ALA B 123 15.92 -1.91 -29.05
C ALA B 123 16.17 -1.18 -27.72
N GLY B 124 15.90 -1.82 -26.59
CA GLY B 124 16.10 -1.20 -25.29
C GLY B 124 15.80 -2.15 -24.14
N THR B 125 16.35 -1.89 -22.95
CA THR B 125 16.15 -2.72 -21.76
C THR B 125 16.02 -1.79 -20.57
N CYS B 126 14.95 -1.92 -19.77
CA CYS B 126 14.72 -1.03 -18.63
C CYS B 126 13.90 -1.69 -17.51
N VAL B 127 13.94 -1.10 -16.29
CA VAL B 127 13.15 -1.55 -15.14
C VAL B 127 11.81 -0.82 -15.31
N LEU B 128 10.72 -1.56 -15.52
CA LEU B 128 9.42 -1.00 -15.85
C LEU B 128 8.31 -1.57 -14.98
N GLU B 129 7.31 -0.73 -14.64
CA GLU B 129 6.15 -1.16 -13.86
C GLU B 129 5.04 -0.12 -13.87
N TYR B 130 3.80 -0.57 -13.70
CA TYR B 130 2.66 0.32 -13.66
C TYR B 130 2.55 1.03 -12.33
N ALA B 131 2.00 2.24 -12.33
CA ALA B 131 1.72 2.95 -11.10
C ALA B 131 0.43 2.30 -10.59
N THR B 132 0.56 1.43 -9.58
CA THR B 132 -0.58 0.70 -9.02
C THR B 132 -1.74 1.59 -8.48
N PRO B 133 -1.52 2.84 -7.98
CA PRO B 133 -2.68 3.65 -7.54
C PRO B 133 -3.72 3.92 -8.62
N LEU B 134 -3.36 3.83 -9.91
CA LEU B 134 -4.34 3.98 -10.99
C LEU B 134 -5.30 2.78 -11.03
N GLN B 135 -4.88 1.60 -10.55
CA GLN B 135 -5.77 0.44 -10.45
C GLN B 135 -6.84 0.72 -9.37
N THR B 136 -6.50 1.48 -8.27
CA THR B 136 -7.45 1.91 -7.24
C THR B 136 -8.45 2.88 -7.84
N LEU B 137 -8.00 3.84 -8.65
CA LEU B 137 -8.92 4.79 -9.30
C LEU B 137 -9.88 4.04 -10.23
N PHE B 138 -9.39 3.00 -10.93
CA PHE B 138 -10.25 2.20 -11.80
C PHE B 138 -11.29 1.45 -10.96
N ALA B 139 -10.87 0.79 -9.88
CA ALA B 139 -11.77 0.06 -9.01
C ALA B 139 -12.79 0.98 -8.32
N MET B 140 -12.40 2.19 -7.92
CA MET B 140 -13.31 3.16 -7.32
C MET B 140 -14.41 3.56 -8.30
N SER B 141 -14.07 3.70 -9.59
CA SER B 141 -15.08 4.00 -10.62
C SER B 141 -16.05 2.81 -10.82
N GLN B 142 -15.62 1.57 -10.48
CA GLN B 142 -16.44 0.36 -10.59
C GLN B 142 -17.32 0.11 -9.36
N TYR B 143 -16.87 0.47 -8.15
CA TYR B 143 -17.65 0.26 -6.93
C TYR B 143 -18.63 1.42 -6.71
N SER B 144 -19.94 1.10 -6.60
CA SER B 144 -21.01 2.09 -6.39
C SER B 144 -20.84 2.90 -5.10
N GLN B 145 -20.46 2.21 -4.00
CA GLN B 145 -20.27 2.85 -2.70
C GLN B 145 -19.21 3.96 -2.74
N ALA B 146 -18.22 3.86 -3.64
CA ALA B 146 -17.19 4.88 -3.76
C ALA B 146 -17.71 6.23 -4.29
N GLY B 147 -18.86 6.24 -4.98
CA GLY B 147 -19.45 7.46 -5.53
C GLY B 147 -18.49 8.16 -6.46
N PHE B 148 -17.86 7.38 -7.35
CA PHE B 148 -16.80 7.81 -8.24
C PHE B 148 -17.18 7.49 -9.68
N SER B 149 -17.37 8.52 -10.51
CA SER B 149 -17.75 8.36 -11.90
C SER B 149 -16.55 8.01 -12.81
N ARG B 150 -16.83 7.57 -14.06
CA ARG B 150 -15.76 7.32 -15.03
C ARG B 150 -15.09 8.65 -15.44
N GLU B 151 -15.86 9.76 -15.46
CA GLU B 151 -15.33 11.10 -15.74
C GLU B 151 -14.41 11.53 -14.59
N ASP B 152 -14.82 11.25 -13.33
CA ASP B 152 -14.02 11.54 -12.16
C ASP B 152 -12.71 10.75 -12.20
N ARG B 153 -12.74 9.51 -12.72
CA ARG B 153 -11.55 8.66 -12.87
C ARG B 153 -10.51 9.30 -13.80
N LEU B 154 -10.91 9.82 -14.99
CA LEU B 154 -9.97 10.44 -15.91
C LEU B 154 -9.38 11.72 -15.31
N GLU B 155 -10.24 12.55 -14.68
CA GLU B 155 -9.79 13.78 -14.05
C GLU B 155 -8.78 13.49 -12.93
N GLN B 156 -9.09 12.52 -12.06
CA GLN B 156 -8.20 12.15 -10.96
C GLN B 156 -6.94 11.44 -11.43
N ALA B 157 -6.97 10.71 -12.55
CA ALA B 157 -5.76 10.07 -13.09
C ALA B 157 -4.76 11.14 -13.53
N LYS B 158 -5.25 12.20 -14.21
CA LYS B 158 -4.39 13.30 -14.66
C LYS B 158 -3.83 14.06 -13.46
N LEU B 159 -4.67 14.33 -12.46
CA LEU B 159 -4.22 15.04 -11.25
C LEU B 159 -3.26 14.19 -10.41
N PHE B 160 -3.36 12.85 -10.48
CA PHE B 160 -2.43 11.95 -9.80
C PHE B 160 -1.05 12.12 -10.44
N CYS B 161 -0.99 12.13 -11.79
CA CYS B 161 0.25 12.32 -12.52
C CYS B 161 0.88 13.67 -12.19
N GLN B 162 0.07 14.74 -12.21
CA GLN B 162 0.54 16.08 -11.90
C GLN B 162 1.12 16.15 -10.48
N THR B 163 0.38 15.65 -9.46
CA THR B 163 0.85 15.68 -8.07
C THR B 163 2.13 14.87 -7.90
N LEU B 164 2.19 13.67 -8.49
CA LEU B 164 3.38 12.82 -8.39
C LEU B 164 4.60 13.48 -9.03
N GLU B 165 4.41 14.15 -10.19
CA GLU B 165 5.50 14.88 -10.86
C GLU B 165 6.01 16.00 -9.95
N ASP B 166 5.09 16.74 -9.29
CA ASP B 166 5.49 17.81 -8.38
C ASP B 166 6.25 17.28 -7.17
N ILE B 167 5.79 16.15 -6.59
CA ILE B 167 6.46 15.52 -5.45
C ILE B 167 7.88 15.10 -5.86
N LEU B 168 8.01 14.38 -6.97
CA LEU B 168 9.31 13.90 -7.45
C LEU B 168 10.25 15.02 -7.87
N ALA B 169 9.73 16.16 -8.37
CA ALA B 169 10.56 17.30 -8.77
C ALA B 169 11.46 17.80 -7.64
N ASP B 170 10.94 17.84 -6.39
CA ASP B 170 11.71 18.30 -5.24
C ASP B 170 11.97 17.20 -4.19
N ALA B 171 11.77 15.90 -4.52
CA ALA B 171 12.06 14.83 -3.56
C ALA B 171 13.55 14.52 -3.58
N PRO B 172 14.25 14.37 -2.41
CA PRO B 172 15.70 14.08 -2.46
C PRO B 172 16.01 12.68 -2.94
N SER B 174 15.18 10.85 -6.05
CA SER B 174 13.96 10.27 -6.56
C SER B 174 13.68 10.71 -8.00
N GLN B 175 13.83 12.02 -8.32
CA GLN B 175 13.56 12.49 -9.68
C GLN B 175 14.56 11.90 -10.69
N ASN B 176 15.88 11.98 -10.40
CA ASN B 176 16.91 11.44 -11.29
C ASN B 176 16.94 9.91 -11.34
N ASN B 177 16.19 9.21 -10.46
CA ASN B 177 16.12 7.74 -10.44
C ASN B 177 14.81 7.19 -11.00
N CYS B 178 13.90 8.04 -11.55
CA CYS B 178 12.64 7.54 -12.10
C CYS B 178 12.05 8.50 -13.13
N ARG B 179 11.26 7.95 -14.06
CA ARG B 179 10.61 8.71 -15.13
C ARG B 179 9.16 8.29 -15.24
N LEU B 180 8.28 9.27 -15.46
CA LEU B 180 6.84 9.05 -15.56
C LEU B 180 6.41 8.99 -17.02
N ILE B 181 5.81 7.86 -17.44
CA ILE B 181 5.35 7.68 -18.82
C ILE B 181 3.82 7.74 -18.83
N ALA B 182 3.26 8.93 -19.09
CA ALA B 182 1.80 9.10 -19.20
C ALA B 182 1.40 8.96 -20.64
N TYR B 183 0.28 8.27 -20.90
CA TYR B 183 -0.19 8.03 -22.25
C TYR B 183 -1.69 7.70 -22.27
N GLN B 184 -2.32 7.91 -23.44
CA GLN B 184 -3.71 7.58 -23.68
C GLN B 184 -3.73 6.54 -24.79
N GLU B 185 -4.19 5.31 -24.51
CA GLU B 185 -4.24 4.26 -25.53
C GLU B 185 -5.30 4.62 -26.56
N SER B 191 -1.98 2.55 -35.03
CA SER B 191 -2.34 1.89 -33.78
C SER B 191 -1.34 2.23 -32.68
N PHE B 192 -1.78 2.17 -31.42
CA PHE B 192 -0.95 2.47 -30.27
C PHE B 192 -0.03 1.30 -29.92
N SER B 193 1.27 1.58 -29.69
CA SER B 193 2.26 0.59 -29.28
C SER B 193 2.84 1.04 -27.94
N LEU B 194 2.71 0.20 -26.91
CA LEU B 194 3.26 0.52 -25.59
C LEU B 194 4.79 0.44 -25.59
N SER B 195 5.38 -0.48 -26.37
CA SER B 195 6.83 -0.59 -26.47
C SER B 195 7.43 0.69 -27.05
N GLN B 196 6.82 1.23 -28.12
CA GLN B 196 7.31 2.48 -28.73
C GLN B 196 7.17 3.66 -27.79
N GLU B 197 6.13 3.66 -26.94
CA GLU B 197 5.91 4.71 -25.96
C GLU B 197 7.08 4.72 -24.96
N VAL B 198 7.52 3.55 -24.50
CA VAL B 198 8.64 3.45 -23.54
C VAL B 198 9.95 3.82 -24.25
N LEU B 199 10.19 3.27 -25.46
CA LEU B 199 11.39 3.55 -26.23
C LEU B 199 11.57 5.04 -26.52
N ARG B 200 10.47 5.77 -26.79
CA ARG B 200 10.54 7.21 -27.04
C ARG B 200 11.14 7.96 -25.84
N HIS B 201 10.72 7.60 -24.61
CA HIS B 201 11.26 8.21 -23.41
C HIS B 201 12.73 7.83 -23.18
N LEU B 202 13.10 6.57 -23.46
CA LEU B 202 14.50 6.13 -23.31
C LEU B 202 15.43 6.88 -24.26
N ARG B 203 15.02 7.06 -25.52
CA ARG B 203 15.82 7.78 -26.50
C ARG B 203 15.88 9.29 -26.20
N GLN B 204 14.84 9.85 -25.55
CA GLN B 204 14.82 11.26 -25.14
C GLN B 204 15.91 11.52 -24.09
N GLU B 205 16.07 10.59 -23.12
CA GLU B 205 17.09 10.72 -22.09
C GLU B 205 18.50 10.63 -22.71
N1 A1A3A C . 3.68 -1.07 -4.17
N3 A1A3A C . -0.01 3.72 -1.91
C4 A1A3A C . 1.93 -6.57 2.55
C5 A1A3A C . -0.19 2.63 -3.87
C6 A1A3A C . -2.16 1.82 2.07
C7 A1A3A C . 6.16 -3.85 -4.43
C8 A1A3A C . 1.70 -6.19 3.87
C10 A1A3A C . 0.66 -4.18 3.09
N12 A1A3A C . -0.79 -1.49 1.35
C13 A1A3A C . 5.54 -3.34 -2.15
C15 A1A3A C . 0.86 2.08 -3.19
C17 A1A3A C . -0.70 3.64 -3.05
C20 A1A3A C . -0.25 -2.59 1.82
C21 A1A3A C . 2.51 -2.23 -0.14
C22 A1A3A C . 1.47 -2.59 -0.90
C24 A1A3A C . 2.15 -7.10 4.99
C26 A1A3A C . -1.29 -0.58 2.21
C28 A1A3A C . -3.38 3.94 1.12
C1 A1A3A C . 5.29 -2.87 -4.89
C2 A1A3A C . 1.09 -4.97 4.15
C3 A1A3A C . 6.29 -4.08 -3.06
C9 A1A3A C . 4.58 -2.11 -3.98
C11 A1A3A C . 4.70 -2.33 -2.62
C12 A1A3A C . 0.85 -4.56 1.78
C14 A1A3A C . 1.51 -5.76 1.51
C16 A1A3A C . -1.96 0.57 1.55
C18 A1A3A C . -2.90 2.52 1.09
C19 A1A3A C . 3.24 -0.65 -2.97
C23 A1A3A C . 6.97 -4.66 -5.39
C25 A1A3A C . 1.78 1.00 -3.65
C27 A1A3A C . -1.86 4.55 -3.29
C29 A1A3A C . 1.38 1.66 0.14
C30 A1A3A C . -1.81 -0.32 -1.84
C31 A1A3A C . 6.12 -4.66 -0.22
C32 A1A3A C . 2.92 -6.55 -0.25
C33 A1A3A C . 3.63 -1.32 -0.56
C34 A1A3A C . 0.36 -3.50 -0.47
C35 A1A3A C . 1.90 2.60 -0.91
C36 A1A3A C . -2.70 -0.53 -0.64
N2 A1A3A C . -0.03 -2.98 3.10
N4 A1A3A C . -3.16 1.75 0.04
N5 A1A3A C . 3.88 -1.39 -1.99
N6 A1A3A C . 0.26 -3.57 0.99
N7 A1A3A C . 0.97 2.76 -2.02
N8 A1A3A C . -2.59 0.54 0.34
N9 A1A3A C . 7.68 -4.00 -6.31
N10 A1A3A C . 1.34 -7.23 6.03
N11 A1A3A C . 2.36 0.29 -2.67
O1 A1A3A C . 6.96 -5.90 -5.32
O2 A1A3A C . 3.22 -7.70 4.87
O3 A1A3A C . 1.97 0.87 -4.86
O4 A1A3A C . -1.25 -0.65 3.44
O5 A1A3A C . 5.61 -3.45 -0.78
O6 A1A3A C . 1.66 -6.06 0.18
H4 A1A3A C . 2.42 -7.53 2.39
H5 A1A3A C . -0.55 2.34 -4.86
H6 A1A3A C . -1.81 2.21 3.03
H7 A1A3A C . 2.63 -2.60 0.87
H8 A1A3A C . 1.35 -2.22 -1.91
H12 A1A3A C . -2.67 4.57 1.65
H13 A1A3A C . -4.34 4.04 1.62
H14 A1A3A C . -3.49 4.34 0.11
H1 A1A3A C . 5.20 -2.66 -5.96
H2 A1A3A C . 0.88 -4.67 5.18
H3 A1A3A C . 6.98 -4.87 -2.78
H11 A1A3A C . -2.30 4.87 -2.34
H10 A1A3A C . -2.66 4.07 -3.85
H9 A1A3A C . -1.56 5.44 -3.83
H17 A1A3A C . 2.05 1.53 0.99
H15 A1A3A C . 1.19 0.65 -0.26
H16 A1A3A C . 0.43 2.00 0.55
H19 A1A3A C . -1.90 -1.14 -2.55
H18 A1A3A C . -0.76 -0.26 -1.56
H20 A1A3A C . -2.04 0.59 -2.38
H21 A1A3A C . 5.77 -4.62 0.80
H22 A1A3A C . 7.22 -4.69 -0.22
H23 A1A3A C . 5.73 -5.56 -0.70
H24 A1A3A C . 2.99 -6.17 -1.27
H25 A1A3A C . 2.97 -7.64 -0.28
H26 A1A3A C . 3.76 -6.16 0.33
H28 A1A3A C . 4.54 -1.58 -0.01
H27 A1A3A C . 3.43 -0.29 -0.30
H29 A1A3A C . -0.60 -3.15 -0.84
H30 A1A3A C . 0.49 -4.49 -0.90
H32 A1A3A C . 2.86 2.26 -1.28
H31 A1A3A C . 2.10 3.59 -0.48
H34 A1A3A C . -3.74 -0.58 -0.95
H33 A1A3A C . -2.51 -1.49 -0.16
H35 A1A3A C . 7.70 -2.99 -6.38
H36 A1A3A C . 8.25 -4.50 -6.98
H37 A1A3A C . 0.46 -6.77 6.13
H38 A1A3A C . 1.61 -7.84 6.80
HN1 A1A3A C . 3.41 -0.72 -5.08
HN2 A1A3A C . -0.30 -2.47 3.94
#